data_4PRR
#
_entry.id   4PRR
#
_cell.length_a   49.305
_cell.length_b   66.863
_cell.length_c   47.214
_cell.angle_alpha   90.00
_cell.angle_beta   92.54
_cell.angle_gamma   90.00
#
_symmetry.space_group_name_H-M   'P 1 21 1'
#
loop_
_entity.id
_entity.type
_entity.pdbx_description
1 polymer 'Aldose reductase'
2 non-polymer 'NADP NICOTINAMIDE-ADENINE-DINUCLEOTIDE PHOSPHATE'
3 non-polymer '3-[3-(5-nitrofuran-2-yl)phenyl]propanoic acid'
4 water water
#
_entity_poly.entity_id   1
_entity_poly.type   'polypeptide(L)'
_entity_poly.pdbx_seq_one_letter_code
;ASRILLNNGAKMPILGLGTWKSPPGQVTEAVKVAIDVGYRHIDCAHVYQNENEVGVAIQEKLREQVVKREELFIVSKLWC
TYHEKGLVKGACQKTLSDLKLDYLDLYLIHWPTGFKPGKEFFPLDESGNVVPSDTNILDTWAAMEELVDEGLVKAIGISN
FNHLQVEMILNKPGLKYKPAVNQIECHPYLTQEKLIQYCQSKGIVVTAYSPLGSPDRPWAKPEDPSLLEDPRIKAIAAKH
NKTTAQVLIRFPMQRNLVVIPKSVTPERIAENFKVFDFELSSQDMTTLLSYNRNWRVCALLSCTSHKDYPFHEEF
;
_entity_poly.pdbx_strand_id   A
#
loop_
_chem_comp.id
_chem_comp.type
_chem_comp.name
_chem_comp.formula
2W9 non-polymer '3-[3-(5-nitrofuran-2-yl)phenyl]propanoic acid' 'C13 H11 N O5'
NAP non-polymer 'NADP NICOTINAMIDE-ADENINE-DINUCLEOTIDE PHOSPHATE' 'C21 H28 N7 O17 P3'
#
# COMPACT_ATOMS: atom_id res chain seq x y z
N ALA A 1 1.53 17.77 10.46
CA ALA A 1 0.59 16.79 11.00
C ALA A 1 0.99 15.37 10.63
N SER A 2 0.86 14.46 11.60
CA SER A 2 1.29 13.09 11.38
C SER A 2 0.21 12.19 10.80
N ARG A 3 -1.03 12.69 10.71
N ARG A 3 -1.03 12.68 10.73
CA ARG A 3 -2.16 11.93 10.17
CA ARG A 3 -2.11 11.92 10.11
C ARG A 3 -2.97 12.74 9.15
C ARG A 3 -2.78 12.75 9.02
N ILE A 4 -3.47 12.06 8.13
CA ILE A 4 -4.26 12.69 7.07
C ILE A 4 -5.71 12.25 7.21
N LEU A 5 -6.63 13.17 6.98
CA LEU A 5 -8.04 12.88 7.13
C LEU A 5 -8.58 12.18 5.90
N LEU A 6 -9.22 11.04 6.11
CA LEU A 6 -9.85 10.28 5.03
C LEU A 6 -11.30 10.70 4.84
N ASN A 7 -11.85 10.36 3.68
CA ASN A 7 -13.21 10.70 3.34
C ASN A 7 -14.26 9.86 4.07
N ASN A 8 -13.81 8.97 4.96
CA ASN A 8 -14.74 8.30 5.87
C ASN A 8 -14.75 8.95 7.25
N GLY A 9 -13.99 10.04 7.41
CA GLY A 9 -13.92 10.74 8.68
C GLY A 9 -12.81 10.31 9.63
N ALA A 10 -12.09 9.25 9.29
CA ALA A 10 -11.00 8.75 10.13
C ALA A 10 -9.65 9.35 9.74
N LYS A 11 -8.71 9.33 10.67
CA LYS A 11 -7.38 9.84 10.41
C LYS A 11 -6.38 8.70 10.22
N MET A 12 -5.57 8.82 9.18
CA MET A 12 -4.62 7.77 8.79
C MET A 12 -3.19 8.27 8.96
N PRO A 13 -2.36 7.53 9.71
CA PRO A 13 -0.97 7.97 9.86
C PRO A 13 -0.25 8.00 8.51
N ILE A 14 0.47 9.10 8.25
CA ILE A 14 1.11 9.28 6.96
C ILE A 14 2.35 8.41 6.77
N LEU A 15 2.87 7.86 7.85
CA LEU A 15 3.95 6.89 7.77
C LEU A 15 3.47 5.53 8.29
N GLY A 16 3.69 4.49 7.50
CA GLY A 16 3.42 3.14 7.94
C GLY A 16 4.56 2.20 7.61
N LEU A 17 4.51 1.01 8.21
CA LEU A 17 5.50 -0.03 7.95
C LEU A 17 4.99 -1.00 6.90
N GLY A 18 5.75 -1.17 5.83
CA GLY A 18 5.45 -2.19 4.85
C GLY A 18 5.90 -3.58 5.29
N THR A 19 5.22 -4.61 4.76
CA THR A 19 5.50 -5.98 5.16
C THR A 19 5.63 -6.97 3.99
N TRP A 20 5.59 -6.51 2.74
CA TRP A 20 5.82 -7.42 1.62
C TRP A 20 7.28 -7.85 1.64
N LYS A 21 7.51 -9.17 1.60
CA LYS A 21 8.84 -9.79 1.60
C LYS A 21 9.46 -9.85 3.00
N SER A 22 8.76 -9.37 4.02
CA SER A 22 9.29 -9.48 5.37
C SER A 22 9.17 -10.94 5.81
N PRO A 23 10.32 -11.60 6.07
CA PRO A 23 10.26 -13.03 6.35
C PRO A 23 9.44 -13.31 7.60
N PRO A 24 8.70 -14.42 7.61
CA PRO A 24 7.82 -14.70 8.75
C PRO A 24 8.59 -14.85 10.06
N GLY A 25 9.85 -15.26 10.00
CA GLY A 25 10.67 -15.40 11.19
C GLY A 25 11.29 -14.10 11.68
N GLN A 26 11.06 -13.00 10.94
N GLN A 26 11.07 -13.01 10.93
CA GLN A 26 11.62 -11.70 11.27
CA GLN A 26 11.60 -11.71 11.31
C GLN A 26 10.57 -10.60 11.40
C GLN A 26 10.52 -10.66 11.52
N VAL A 27 9.38 -10.84 10.88
CA VAL A 27 8.38 -9.77 10.83
C VAL A 27 7.73 -9.49 12.18
N THR A 28 7.65 -10.51 13.05
CA THR A 28 7.06 -10.27 14.36
C THR A 28 7.92 -9.26 15.14
N GLU A 29 9.23 -9.49 15.18
CA GLU A 29 10.09 -8.52 15.84
C GLU A 29 10.10 -7.17 15.11
N ALA A 30 10.02 -7.18 13.78
CA ALA A 30 10.00 -5.91 13.04
C ALA A 30 8.82 -5.04 13.45
N VAL A 31 7.65 -5.65 13.54
CA VAL A 31 6.45 -4.91 13.89
C VAL A 31 6.49 -4.48 15.36
N LYS A 32 7.01 -5.34 16.24
CA LYS A 32 7.17 -4.95 17.64
C LYS A 32 8.08 -3.72 17.79
N VAL A 33 9.22 -3.75 17.12
CA VAL A 33 10.15 -2.63 17.12
C VAL A 33 9.49 -1.39 16.55
N ALA A 34 8.79 -1.54 15.41
CA ALA A 34 8.13 -0.41 14.79
C ALA A 34 7.17 0.27 15.76
N ILE A 35 6.32 -0.53 16.41
CA ILE A 35 5.38 0.05 17.36
C ILE A 35 6.12 0.72 18.52
N ASP A 36 7.18 0.09 19.01
CA ASP A 36 7.97 0.69 20.09
C ASP A 36 8.58 2.04 19.72
N VAL A 37 8.97 2.22 18.47
CA VAL A 37 9.61 3.47 18.04
C VAL A 37 8.65 4.47 17.44
N GLY A 38 7.35 4.15 17.42
CA GLY A 38 6.34 5.14 17.11
C GLY A 38 5.40 4.85 15.95
N TYR A 39 5.68 3.81 15.17
CA TYR A 39 4.77 3.50 14.07
C TYR A 39 3.39 3.11 14.58
N ARG A 40 2.34 3.56 13.91
N ARG A 40 2.37 3.61 13.90
CA ARG A 40 0.98 3.20 14.30
CA ARG A 40 0.99 3.36 14.28
C ARG A 40 0.25 2.50 13.15
C ARG A 40 0.16 2.91 13.08
N HIS A 41 0.84 2.56 11.98
CA HIS A 41 0.20 2.12 10.73
C HIS A 41 1.06 0.99 10.18
N ILE A 42 0.43 -0.16 9.94
CA ILE A 42 1.10 -1.31 9.34
C ILE A 42 0.34 -1.68 8.06
N ASP A 43 1.08 -1.84 6.96
CA ASP A 43 0.51 -2.25 5.67
C ASP A 43 0.73 -3.75 5.47
N CYS A 44 -0.37 -4.48 5.32
CA CYS A 44 -0.37 -5.93 5.26
C CYS A 44 -1.07 -6.42 4.00
N ALA A 45 -0.97 -7.72 3.75
CA ALA A 45 -1.79 -8.36 2.73
C ALA A 45 -1.78 -9.86 2.89
N HIS A 46 -2.90 -10.50 2.59
CA HIS A 46 -2.96 -11.95 2.61
C HIS A 46 -1.89 -12.59 1.72
N VAL A 47 -1.66 -12.00 0.55
CA VAL A 47 -0.74 -12.59 -0.42
C VAL A 47 0.72 -12.54 0.08
N TYR A 48 1.01 -11.74 1.10
CA TYR A 48 2.36 -11.67 1.65
C TYR A 48 2.71 -12.89 2.51
N GLN A 49 1.69 -13.67 2.89
CA GLN A 49 1.87 -14.95 3.59
C GLN A 49 2.50 -14.80 4.97
N ASN A 50 2.34 -13.63 5.59
CA ASN A 50 2.93 -13.40 6.90
C ASN A 50 1.98 -12.66 7.85
N GLU A 51 0.69 -12.64 7.54
CA GLU A 51 -0.24 -11.94 8.41
C GLU A 51 -0.35 -12.55 9.82
N ASN A 52 -0.23 -13.86 9.95
CA ASN A 52 -0.27 -14.46 11.28
C ASN A 52 0.83 -13.87 12.16
N GLU A 53 2.03 -13.78 11.60
CA GLU A 53 3.21 -13.31 12.32
C GLU A 53 3.14 -11.80 12.60
N VAL A 54 2.62 -11.03 11.65
CA VAL A 54 2.35 -9.62 11.91
C VAL A 54 1.37 -9.51 13.09
N GLY A 55 0.33 -10.34 13.05
CA GLY A 55 -0.68 -10.34 14.09
C GLY A 55 -0.13 -10.65 15.47
N VAL A 56 0.81 -11.59 15.56
CA VAL A 56 1.43 -11.88 16.84
C VAL A 56 2.04 -10.63 17.48
N ALA A 57 2.71 -9.82 16.67
CA ALA A 57 3.31 -8.59 17.15
C ALA A 57 2.27 -7.58 17.60
N ILE A 58 1.25 -7.37 16.77
CA ILE A 58 0.20 -6.42 17.12
C ILE A 58 -0.45 -6.84 18.43
N GLN A 59 -0.76 -8.12 18.55
CA GLN A 59 -1.46 -8.61 19.73
C GLN A 59 -0.61 -8.45 20.98
N GLU A 60 0.69 -8.71 20.89
CA GLU A 60 1.54 -8.52 22.06
C GLU A 60 1.54 -7.07 22.49
N LYS A 61 1.65 -6.15 21.54
CA LYS A 61 1.72 -4.75 21.90
C LYS A 61 0.39 -4.23 22.45
N LEU A 62 -0.73 -4.76 21.96
CA LEU A 62 -2.04 -4.45 22.53
C LEU A 62 -2.15 -5.01 23.95
N ARG A 63 -1.78 -6.28 24.12
CA ARG A 63 -1.85 -6.94 25.42
C ARG A 63 -0.97 -6.25 26.47
N GLU A 64 0.22 -5.81 26.06
N GLU A 64 0.23 -5.85 26.01
CA GLU A 64 1.08 -5.17 27.04
CA GLU A 64 1.23 -5.13 26.82
C GLU A 64 0.83 -3.67 27.11
C GLU A 64 0.76 -3.71 27.16
N GLN A 65 -0.25 -3.22 26.46
CA GLN A 65 -0.73 -1.84 26.59
C GLN A 65 0.32 -0.81 26.21
N VAL A 66 1.12 -1.16 25.21
CA VAL A 66 2.05 -0.24 24.57
C VAL A 66 1.27 0.76 23.71
N VAL A 67 0.19 0.25 23.12
N VAL A 67 0.17 0.28 23.14
CA VAL A 67 -0.71 1.04 22.29
CA VAL A 67 -0.67 1.07 22.26
C VAL A 67 -2.13 0.58 22.53
C VAL A 67 -2.11 0.55 22.36
N LYS A 68 -3.08 1.44 22.19
CA LYS A 68 -4.50 1.05 22.18
C LYS A 68 -4.90 0.72 20.76
N ARG A 69 -5.89 -0.17 20.60
CA ARG A 69 -6.33 -0.54 19.25
C ARG A 69 -6.77 0.67 18.46
N GLU A 70 -7.44 1.62 19.10
CA GLU A 70 -7.94 2.80 18.39
C GLU A 70 -6.81 3.68 17.86
N GLU A 71 -5.61 3.52 18.40
CA GLU A 71 -4.44 4.29 17.97
C GLU A 71 -3.68 3.64 16.80
N LEU A 72 -4.01 2.38 16.52
CA LEU A 72 -3.38 1.67 15.40
C LEU A 72 -4.23 1.84 14.15
N PHE A 73 -3.55 1.80 13.01
CA PHE A 73 -4.21 1.87 11.71
C PHE A 73 -3.70 0.69 10.90
N ILE A 74 -4.49 -0.36 10.83
CA ILE A 74 -4.07 -1.60 10.20
C ILE A 74 -4.78 -1.75 8.85
N VAL A 75 -3.96 -1.95 7.82
CA VAL A 75 -4.41 -2.04 6.44
C VAL A 75 -4.14 -3.43 5.92
N SER A 76 -5.11 -4.03 5.23
CA SER A 76 -4.84 -5.23 4.45
C SER A 76 -5.57 -5.13 3.11
N LYS A 77 -5.47 -6.19 2.33
CA LYS A 77 -5.85 -6.16 0.92
C LYS A 77 -6.44 -7.48 0.48
N LEU A 78 -7.50 -7.37 -0.32
CA LEU A 78 -8.20 -8.49 -0.93
C LEU A 78 -7.42 -8.98 -2.13
N TRP A 79 -6.96 -10.24 -2.10
CA TRP A 79 -6.17 -10.76 -3.20
C TRP A 79 -7.03 -11.02 -4.45
N CYS A 80 -6.36 -11.09 -5.59
CA CYS A 80 -6.97 -11.19 -6.91
C CYS A 80 -7.87 -12.40 -7.11
N THR A 81 -7.57 -13.49 -6.42
CA THR A 81 -8.36 -14.73 -6.55
C THR A 81 -9.63 -14.71 -5.69
N TYR A 82 -9.92 -13.57 -5.05
CA TYR A 82 -11.10 -13.44 -4.20
C TYR A 82 -12.01 -12.30 -4.65
N HIS A 83 -11.96 -11.93 -5.92
CA HIS A 83 -12.82 -10.85 -6.40
C HIS A 83 -14.29 -11.24 -6.53
N GLU A 84 -14.59 -12.53 -6.66
CA GLU A 84 -15.98 -12.99 -6.71
C GLU A 84 -16.73 -12.49 -5.48
N LYS A 85 -17.93 -11.95 -5.68
CA LYS A 85 -18.65 -11.34 -4.56
C LYS A 85 -18.80 -12.28 -3.37
N GLY A 86 -19.03 -13.56 -3.62
CA GLY A 86 -19.22 -14.54 -2.57
C GLY A 86 -17.97 -14.98 -1.81
N LEU A 87 -16.81 -14.52 -2.25
CA LEU A 87 -15.55 -14.87 -1.60
C LEU A 87 -14.96 -13.72 -0.79
N VAL A 88 -15.46 -12.51 -0.98
CA VAL A 88 -14.87 -11.32 -0.39
C VAL A 88 -14.91 -11.35 1.14
N LYS A 89 -16.07 -11.67 1.70
CA LYS A 89 -16.18 -11.66 3.15
C LYS A 89 -15.24 -12.68 3.80
N GLY A 90 -15.19 -13.89 3.25
CA GLY A 90 -14.33 -14.91 3.80
C GLY A 90 -12.86 -14.53 3.73
N ALA A 91 -12.46 -13.88 2.65
CA ALA A 91 -11.09 -13.41 2.52
C ALA A 91 -10.77 -12.39 3.60
N CYS A 92 -11.69 -11.45 3.82
CA CYS A 92 -11.51 -10.45 4.85
C CYS A 92 -11.42 -11.12 6.23
N GLN A 93 -12.33 -12.06 6.48
CA GLN A 93 -12.37 -12.77 7.77
C GLN A 93 -11.09 -13.56 8.03
N LYS A 94 -10.51 -14.17 6.99
CA LYS A 94 -9.25 -14.89 7.17
C LYS A 94 -8.13 -13.94 7.57
N THR A 95 -8.09 -12.78 6.91
CA THR A 95 -7.12 -11.76 7.28
C THR A 95 -7.34 -11.27 8.72
N LEU A 96 -8.59 -11.03 9.11
CA LEU A 96 -8.86 -10.62 10.49
C LEU A 96 -8.43 -11.69 11.49
N SER A 97 -8.67 -12.95 11.14
CA SER A 97 -8.31 -14.05 12.04
C SER A 97 -6.79 -14.14 12.18
N ASP A 98 -6.07 -14.03 11.07
CA ASP A 98 -4.61 -14.08 11.11
C ASP A 98 -4.01 -12.89 11.86
N LEU A 99 -4.52 -11.70 11.60
CA LEU A 99 -4.02 -10.50 12.28
C LEU A 99 -4.49 -10.42 13.74
N LYS A 100 -5.46 -11.26 14.09
CA LYS A 100 -6.04 -11.30 15.44
C LYS A 100 -6.72 -9.97 15.80
N LEU A 101 -7.51 -9.48 14.86
CA LEU A 101 -8.24 -8.23 14.99
C LEU A 101 -9.73 -8.47 14.77
N ASP A 102 -10.55 -7.57 15.30
CA ASP A 102 -11.98 -7.62 15.02
C ASP A 102 -12.43 -6.61 13.97
N TYR A 103 -11.53 -5.74 13.53
CA TYR A 103 -11.79 -4.89 12.35
C TYR A 103 -10.46 -4.46 11.75
N LEU A 104 -10.50 -4.11 10.47
CA LEU A 104 -9.39 -3.43 9.81
C LEU A 104 -9.72 -1.96 9.70
N ASP A 105 -8.70 -1.11 9.78
CA ASP A 105 -8.94 0.30 9.54
C ASP A 105 -9.17 0.60 8.06
N LEU A 106 -8.55 -0.20 7.19
CA LEU A 106 -8.66 0.02 5.75
C LEU A 106 -8.46 -1.31 5.05
N TYR A 107 -9.34 -1.63 4.11
CA TYR A 107 -9.22 -2.86 3.31
C TYR A 107 -9.27 -2.45 1.84
N LEU A 108 -8.23 -2.85 1.10
CA LEU A 108 -8.06 -2.44 -0.28
C LEU A 108 -8.31 -3.59 -1.26
N ILE A 109 -8.91 -3.30 -2.41
CA ILE A 109 -8.80 -4.23 -3.53
C ILE A 109 -7.34 -4.15 -4.00
N HIS A 110 -6.62 -5.27 -3.87
CA HIS A 110 -5.17 -5.24 -4.03
C HIS A 110 -4.74 -4.85 -5.46
N TRP A 111 -5.43 -5.41 -6.46
CA TRP A 111 -5.21 -5.09 -7.86
C TRP A 111 -6.56 -5.10 -8.56
N PRO A 112 -6.68 -4.35 -9.65
CA PRO A 112 -7.97 -4.36 -10.38
C PRO A 112 -8.21 -5.66 -11.15
N THR A 113 -7.17 -6.48 -11.28
CA THR A 113 -7.25 -7.72 -12.04
C THR A 113 -7.77 -8.87 -11.17
N GLY A 114 -8.96 -9.39 -11.48
CA GLY A 114 -9.46 -10.60 -10.84
C GLY A 114 -8.92 -11.85 -11.51
N PHE A 115 -8.55 -12.83 -10.71
CA PHE A 115 -8.06 -14.12 -11.20
C PHE A 115 -9.01 -15.24 -10.77
N LYS A 116 -8.98 -16.36 -11.49
CA LYS A 116 -9.75 -17.56 -11.13
C LYS A 116 -9.51 -17.97 -9.68
N PRO A 117 -10.57 -18.25 -8.92
N PRO A 117 -10.57 -18.18 -8.89
CA PRO A 117 -10.38 -18.65 -7.51
CA PRO A 117 -10.39 -18.66 -7.52
C PRO A 117 -9.82 -20.06 -7.39
C PRO A 117 -9.73 -20.02 -7.45
N GLY A 118 -9.10 -20.30 -6.31
CA GLY A 118 -8.44 -21.57 -6.11
C GLY A 118 -7.29 -21.39 -5.16
N LYS A 119 -6.50 -22.45 -4.96
CA LYS A 119 -5.40 -22.41 -4.01
C LYS A 119 -4.26 -21.52 -4.47
N GLU A 120 -4.06 -21.45 -5.79
CA GLU A 120 -2.95 -20.72 -6.37
C GLU A 120 -3.23 -19.23 -6.44
N PHE A 121 -2.29 -18.42 -5.97
CA PHE A 121 -2.44 -16.98 -6.01
C PHE A 121 -2.34 -16.42 -7.44
N PHE A 122 -1.59 -17.11 -8.29
CA PHE A 122 -1.48 -16.75 -9.70
C PHE A 122 -1.80 -17.96 -10.55
N PRO A 123 -3.10 -18.25 -10.74
CA PRO A 123 -3.46 -19.41 -11.57
C PRO A 123 -3.05 -19.16 -13.01
N LEU A 124 -2.35 -20.11 -13.62
CA LEU A 124 -1.83 -19.94 -14.97
C LEU A 124 -2.43 -20.96 -15.91
N ASP A 125 -2.57 -20.58 -17.18
CA ASP A 125 -2.84 -21.56 -18.21
C ASP A 125 -1.54 -22.24 -18.61
N GLU A 126 -1.61 -23.23 -19.49
CA GLU A 126 -0.42 -24.00 -19.84
C GLU A 126 0.66 -23.18 -20.55
N SER A 127 0.30 -21.98 -20.99
CA SER A 127 1.24 -21.10 -21.68
C SER A 127 1.77 -19.95 -20.82
N GLY A 128 1.40 -19.93 -19.54
CA GLY A 128 1.96 -18.95 -18.62
C GLY A 128 1.15 -17.69 -18.41
N ASN A 129 0.02 -17.56 -19.11
CA ASN A 129 -0.87 -16.42 -18.89
C ASN A 129 -1.70 -16.62 -17.64
N VAL A 130 -1.91 -15.56 -16.87
CA VAL A 130 -2.79 -15.65 -15.72
C VAL A 130 -4.21 -15.92 -16.22
N VAL A 131 -4.96 -16.71 -15.46
CA VAL A 131 -6.32 -17.04 -15.82
C VAL A 131 -7.26 -16.05 -15.13
N PRO A 132 -7.95 -15.19 -15.90
CA PRO A 132 -8.81 -14.18 -15.28
C PRO A 132 -10.09 -14.74 -14.67
N SER A 133 -10.69 -13.91 -13.82
N SER A 133 -10.74 -13.92 -13.87
CA SER A 133 -12.07 -14.04 -13.35
CA SER A 133 -12.10 -14.22 -13.50
C SER A 133 -12.96 -13.20 -14.28
C SER A 133 -12.99 -13.18 -14.13
N ASP A 134 -14.23 -13.57 -14.42
CA ASP A 134 -15.16 -12.68 -15.13
C ASP A 134 -15.91 -11.71 -14.22
N THR A 135 -15.56 -11.65 -12.94
N THR A 135 -15.50 -11.65 -12.96
CA THR A 135 -16.29 -10.80 -12.02
CA THR A 135 -16.08 -10.73 -12.02
C THR A 135 -15.97 -9.33 -12.25
C THR A 135 -15.94 -9.31 -12.53
N ASN A 136 -17.02 -8.56 -12.49
CA ASN A 136 -16.93 -7.13 -12.72
C ASN A 136 -16.43 -6.48 -11.44
N ILE A 137 -15.41 -5.64 -11.56
CA ILE A 137 -14.87 -4.92 -10.41
C ILE A 137 -15.90 -4.09 -9.64
N LEU A 138 -16.94 -3.61 -10.33
CA LEU A 138 -18.01 -2.89 -9.68
C LEU A 138 -18.75 -3.80 -8.71
N ASP A 139 -18.86 -5.08 -9.07
CA ASP A 139 -19.46 -6.07 -8.18
C ASP A 139 -18.55 -6.34 -6.99
N THR A 140 -17.25 -6.42 -7.23
CA THR A 140 -16.29 -6.57 -6.14
C THR A 140 -16.41 -5.36 -5.21
N TRP A 141 -16.56 -4.17 -5.77
CA TRP A 141 -16.70 -2.98 -4.94
C TRP A 141 -17.94 -3.05 -4.05
N ALA A 142 -19.07 -3.48 -4.61
CA ALA A 142 -20.28 -3.65 -3.81
C ALA A 142 -20.03 -4.60 -2.65
N ALA A 143 -19.29 -5.67 -2.90
CA ALA A 143 -18.95 -6.61 -1.84
C ALA A 143 -18.06 -5.97 -0.77
N MET A 144 -17.14 -5.10 -1.19
CA MET A 144 -16.34 -4.33 -0.24
C MET A 144 -17.20 -3.40 0.61
N GLU A 145 -18.17 -2.74 -0.02
CA GLU A 145 -19.08 -1.87 0.72
C GLU A 145 -19.82 -2.63 1.82
N GLU A 146 -20.19 -3.88 1.55
CA GLU A 146 -20.87 -4.69 2.55
C GLU A 146 -20.01 -4.89 3.80
N LEU A 147 -18.70 -4.98 3.63
CA LEU A 147 -17.79 -5.14 4.76
C LEU A 147 -17.84 -3.95 5.71
N VAL A 148 -17.99 -2.75 5.16
CA VAL A 148 -18.16 -1.57 6.00
C VAL A 148 -19.46 -1.70 6.78
N ASP A 149 -20.52 -2.09 6.07
CA ASP A 149 -21.83 -2.17 6.70
C ASP A 149 -21.98 -3.31 7.69
N GLU A 150 -21.07 -4.27 7.66
CA GLU A 150 -21.07 -5.39 8.61
C GLU A 150 -20.07 -5.17 9.75
N GLY A 151 -19.34 -4.06 9.71
CA GLY A 151 -18.43 -3.71 10.79
C GLY A 151 -17.06 -4.38 10.75
N LEU A 152 -16.75 -5.07 9.65
CA LEU A 152 -15.45 -5.74 9.54
C LEU A 152 -14.33 -4.77 9.21
N VAL A 153 -14.65 -3.68 8.52
CA VAL A 153 -13.64 -2.71 8.13
C VAL A 153 -14.20 -1.30 8.31
N LYS A 154 -13.34 -0.36 8.66
CA LYS A 154 -13.76 1.03 8.83
C LYS A 154 -13.74 1.84 7.53
N ALA A 155 -12.89 1.43 6.60
CA ALA A 155 -12.74 2.11 5.32
C ALA A 155 -12.37 1.09 4.27
N ILE A 156 -12.74 1.40 3.03
CA ILE A 156 -12.36 0.59 1.89
C ILE A 156 -11.67 1.45 0.85
N GLY A 157 -10.83 0.82 0.06
CA GLY A 157 -10.10 1.50 -0.99
C GLY A 157 -9.61 0.55 -2.05
N ILE A 158 -8.71 1.06 -2.87
CA ILE A 158 -8.24 0.39 -4.06
C ILE A 158 -6.72 0.50 -4.14
N SER A 159 -6.12 -0.29 -5.00
CA SER A 159 -4.67 -0.27 -5.15
C SER A 159 -4.34 -0.67 -6.58
N ASN A 160 -3.36 0.02 -7.16
CA ASN A 160 -2.96 -0.21 -8.53
C ASN A 160 -4.07 0.05 -9.54
N PHE A 161 -4.98 0.96 -9.20
CA PHE A 161 -6.02 1.36 -10.15
C PHE A 161 -5.52 2.57 -10.93
N ASN A 162 -5.64 2.51 -12.25
CA ASN A 162 -5.30 3.65 -13.10
C ASN A 162 -6.43 4.67 -13.08
N HIS A 163 -6.23 5.81 -13.73
CA HIS A 163 -7.22 6.87 -13.62
C HIS A 163 -8.60 6.47 -14.14
N LEU A 164 -8.63 5.72 -15.24
CA LEU A 164 -9.91 5.27 -15.79
C LEU A 164 -10.59 4.29 -14.86
N GLN A 165 -9.80 3.45 -14.18
CA GLN A 165 -10.36 2.48 -13.24
C GLN A 165 -10.90 3.16 -11.98
N VAL A 166 -10.19 4.17 -11.49
CA VAL A 166 -10.70 4.99 -10.40
C VAL A 166 -12.01 5.64 -10.81
N GLU A 167 -12.02 6.23 -12.00
CA GLU A 167 -13.23 6.86 -12.54
C GLU A 167 -14.40 5.88 -12.61
N MET A 168 -14.13 4.64 -13.00
N MET A 168 -14.11 4.64 -13.01
CA MET A 168 -15.20 3.64 -13.07
CA MET A 168 -15.12 3.59 -13.07
C MET A 168 -15.82 3.34 -11.71
C MET A 168 -15.80 3.40 -11.72
N ILE A 169 -15.00 3.30 -10.68
CA ILE A 169 -15.53 3.13 -9.33
C ILE A 169 -16.34 4.35 -8.92
N LEU A 170 -15.80 5.55 -9.17
CA LEU A 170 -16.49 6.77 -8.79
C LEU A 170 -17.82 6.92 -9.53
N ASN A 171 -17.88 6.37 -10.74
CA ASN A 171 -19.08 6.43 -11.55
C ASN A 171 -19.97 5.19 -11.41
N LYS A 172 -19.69 4.33 -10.43
CA LYS A 172 -20.50 3.13 -10.25
C LYS A 172 -21.96 3.50 -9.97
N PRO A 173 -22.90 2.92 -10.73
CA PRO A 173 -24.30 3.14 -10.40
C PRO A 173 -24.59 2.70 -8.97
N GLY A 174 -25.21 3.58 -8.19
CA GLY A 174 -25.58 3.26 -6.83
C GLY A 174 -24.43 3.21 -5.85
N LEU A 175 -23.30 3.80 -6.19
CA LEU A 175 -22.12 3.85 -5.31
C LEU A 175 -22.52 4.28 -3.90
N LYS A 176 -22.12 3.49 -2.91
CA LYS A 176 -22.47 3.77 -1.53
C LYS A 176 -21.32 4.43 -0.76
N TYR A 177 -20.11 3.89 -0.92
CA TYR A 177 -18.92 4.47 -0.30
C TYR A 177 -17.85 4.69 -1.35
N LYS A 178 -17.34 5.90 -1.43
CA LYS A 178 -16.20 6.19 -2.30
C LYS A 178 -14.97 5.49 -1.76
N PRO A 179 -14.03 5.12 -2.64
N PRO A 179 -14.03 5.12 -2.65
CA PRO A 179 -12.76 4.60 -2.11
CA PRO A 179 -12.72 4.67 -2.16
C PRO A 179 -12.04 5.69 -1.32
C PRO A 179 -12.10 5.73 -1.27
N ALA A 180 -11.51 5.32 -0.15
CA ALA A 180 -10.83 6.26 0.73
C ALA A 180 -9.40 6.50 0.29
N VAL A 181 -8.80 5.48 -0.31
CA VAL A 181 -7.38 5.46 -0.63
C VAL A 181 -7.18 4.74 -1.96
N ASN A 182 -6.21 5.20 -2.76
CA ASN A 182 -5.61 4.43 -3.85
C ASN A 182 -4.13 4.27 -3.52
N GLN A 183 -3.70 3.04 -3.32
CA GLN A 183 -2.30 2.74 -3.00
C GLN A 183 -1.58 2.35 -4.28
N ILE A 184 -0.55 3.11 -4.64
CA ILE A 184 0.14 2.97 -5.92
C ILE A 184 1.64 3.09 -5.73
N GLU A 185 2.39 2.52 -6.66
CA GLU A 185 3.84 2.69 -6.67
C GLU A 185 4.17 4.16 -6.90
N CYS A 186 5.08 4.71 -6.11
CA CYS A 186 5.43 6.11 -6.30
C CYS A 186 6.75 6.42 -5.65
N HIS A 187 7.67 7.02 -6.42
CA HIS A 187 9.01 7.37 -5.97
C HIS A 187 9.59 8.31 -7.03
N PRO A 188 10.82 8.84 -6.82
CA PRO A 188 11.32 9.82 -7.80
C PRO A 188 11.48 9.30 -9.23
N TYR A 189 11.53 7.99 -9.45
CA TYR A 189 11.62 7.49 -10.83
C TYR A 189 10.25 7.17 -11.44
N LEU A 190 9.19 7.27 -10.63
CA LEU A 190 7.82 7.03 -11.07
C LEU A 190 6.94 7.97 -10.23
N THR A 191 6.89 9.23 -10.65
CA THR A 191 6.36 10.28 -9.80
C THR A 191 4.84 10.38 -9.83
N GLN A 192 4.20 9.86 -10.88
CA GLN A 192 2.76 9.69 -10.88
C GLN A 192 1.94 10.98 -10.77
N GLU A 193 2.44 12.10 -11.31
N GLU A 193 2.43 12.08 -11.34
CA GLU A 193 1.75 13.38 -11.13
CA GLU A 193 1.80 13.38 -11.11
C GLU A 193 0.30 13.34 -11.53
C GLU A 193 0.34 13.45 -11.59
N LYS A 194 0.06 12.84 -12.74
CA LYS A 194 -1.30 12.85 -13.29
C LYS A 194 -2.28 12.06 -12.42
N LEU A 195 -1.93 10.84 -12.08
CA LEU A 195 -2.84 10.01 -11.29
C LEU A 195 -3.05 10.56 -9.89
N ILE A 196 -1.97 11.06 -9.29
CA ILE A 196 -2.07 11.64 -7.95
C ILE A 196 -2.99 12.85 -7.93
N GLN A 197 -2.81 13.77 -8.87
CA GLN A 197 -3.65 14.95 -8.95
C GLN A 197 -5.11 14.56 -9.12
N TYR A 198 -5.37 13.58 -9.99
CA TYR A 198 -6.74 13.14 -10.20
C TYR A 198 -7.35 12.59 -8.90
N CYS A 199 -6.65 11.67 -8.25
CA CYS A 199 -7.16 11.09 -7.02
C CYS A 199 -7.39 12.16 -5.95
N GLN A 200 -6.41 13.04 -5.76
CA GLN A 200 -6.54 14.06 -4.73
C GLN A 200 -7.71 15.00 -5.02
N SER A 201 -7.94 15.28 -6.29
CA SER A 201 -9.03 16.16 -6.69
C SER A 201 -10.40 15.57 -6.37
N LYS A 202 -10.44 14.24 -6.21
CA LYS A 202 -11.67 13.53 -5.90
C LYS A 202 -11.77 13.17 -4.41
N GLY A 203 -10.82 13.65 -3.62
CA GLY A 203 -10.83 13.40 -2.19
C GLY A 203 -10.33 12.02 -1.78
N ILE A 204 -9.65 11.34 -2.70
CA ILE A 204 -9.06 10.04 -2.46
C ILE A 204 -7.60 10.25 -2.04
N VAL A 205 -7.22 9.70 -0.89
CA VAL A 205 -5.87 9.83 -0.40
C VAL A 205 -4.98 8.80 -1.11
N VAL A 206 -3.79 9.23 -1.53
CA VAL A 206 -2.87 8.32 -2.19
C VAL A 206 -1.81 7.84 -1.21
N THR A 207 -1.58 6.53 -1.19
CA THR A 207 -0.47 5.93 -0.49
C THR A 207 0.59 5.51 -1.50
N ALA A 208 1.82 5.94 -1.25
CA ALA A 208 2.98 5.59 -2.07
C ALA A 208 3.63 4.31 -1.57
N TYR A 209 3.63 3.28 -2.41
CA TYR A 209 4.36 2.06 -2.12
C TYR A 209 5.71 2.00 -2.85
N SER A 210 6.56 1.09 -2.41
CA SER A 210 7.94 0.98 -2.89
C SER A 210 8.66 2.34 -2.95
N PRO A 211 8.58 3.13 -1.87
CA PRO A 211 9.16 4.48 -1.92
C PRO A 211 10.68 4.48 -2.03
N LEU A 212 11.33 3.37 -1.67
CA LEU A 212 12.78 3.25 -1.77
C LEU A 212 13.19 2.51 -3.05
N GLY A 213 12.20 2.21 -3.90
CA GLY A 213 12.45 1.47 -5.12
C GLY A 213 12.55 -0.03 -4.96
N SER A 214 12.10 -0.54 -3.81
CA SER A 214 12.05 -1.97 -3.57
C SER A 214 13.35 -2.70 -3.96
N PRO A 215 14.49 -2.33 -3.34
CA PRO A 215 15.74 -2.99 -3.73
C PRO A 215 15.77 -4.51 -3.49
N ASP A 216 14.87 -5.02 -2.67
CA ASP A 216 14.77 -6.46 -2.41
C ASP A 216 13.76 -7.19 -3.30
N ARG A 217 13.18 -6.50 -4.28
CA ARG A 217 12.29 -7.15 -5.23
C ARG A 217 13.01 -8.33 -5.89
N PRO A 218 12.32 -9.47 -6.04
CA PRO A 218 12.97 -10.70 -6.51
C PRO A 218 13.52 -10.63 -7.94
N TRP A 219 13.01 -9.72 -8.76
CA TRP A 219 13.40 -9.61 -10.16
C TRP A 219 14.37 -8.46 -10.40
N ALA A 220 14.95 -7.93 -9.34
CA ALA A 220 15.96 -6.88 -9.47
C ALA A 220 17.13 -7.36 -10.34
N LYS A 221 17.61 -6.48 -11.20
CA LYS A 221 18.79 -6.76 -12.01
C LYS A 221 19.90 -5.84 -11.52
N PRO A 222 21.16 -6.30 -11.59
CA PRO A 222 22.31 -5.50 -11.13
C PRO A 222 22.39 -4.13 -11.80
N GLU A 223 21.97 -4.04 -13.06
CA GLU A 223 22.10 -2.80 -13.83
C GLU A 223 20.93 -1.83 -13.67
N ASP A 224 19.91 -2.23 -12.91
CA ASP A 224 18.72 -1.39 -12.72
C ASP A 224 19.04 -0.06 -12.02
N PRO A 225 18.24 0.98 -12.30
CA PRO A 225 18.34 2.24 -11.55
C PRO A 225 18.16 1.99 -10.06
N SER A 226 18.85 2.77 -9.24
CA SER A 226 18.82 2.56 -7.80
C SER A 226 18.67 3.89 -7.07
N LEU A 227 17.48 4.13 -6.51
CA LEU A 227 17.21 5.37 -5.79
C LEU A 227 18.16 5.57 -4.63
N LEU A 228 18.39 4.52 -3.84
CA LEU A 228 19.21 4.65 -2.66
C LEU A 228 20.65 5.00 -2.99
N GLU A 229 21.07 4.69 -4.21
CA GLU A 229 22.45 4.95 -4.64
C GLU A 229 22.60 6.14 -5.60
N ASP A 230 21.50 6.82 -5.89
CA ASP A 230 21.52 7.95 -6.82
C ASP A 230 22.27 9.10 -6.17
N PRO A 231 23.40 9.52 -6.77
CA PRO A 231 24.22 10.54 -6.10
C PRO A 231 23.50 11.89 -5.96
N ARG A 232 22.53 12.13 -6.84
CA ARG A 232 21.78 13.38 -6.76
C ARG A 232 20.89 13.41 -5.52
N ILE A 233 20.32 12.27 -5.19
CA ILE A 233 19.47 12.17 -4.02
C ILE A 233 20.34 12.14 -2.75
N LYS A 234 21.48 11.46 -2.84
CA LYS A 234 22.45 11.46 -1.76
C LYS A 234 22.87 12.90 -1.40
N ALA A 235 23.06 13.72 -2.43
CA ALA A 235 23.46 15.12 -2.21
C ALA A 235 22.39 15.92 -1.48
N ILE A 236 21.12 15.72 -1.84
CA ILE A 236 20.03 16.40 -1.15
C ILE A 236 19.98 15.95 0.31
N ALA A 237 20.16 14.65 0.52
CA ALA A 237 20.20 14.10 1.87
C ALA A 237 21.32 14.72 2.71
N ALA A 238 22.50 14.81 2.11
CA ALA A 238 23.66 15.35 2.81
C ALA A 238 23.43 16.80 3.23
N LYS A 239 22.80 17.57 2.34
CA LYS A 239 22.50 18.98 2.61
C LYS A 239 21.62 19.11 3.86
N HIS A 240 20.74 18.15 4.06
CA HIS A 240 19.79 18.19 5.17
C HIS A 240 20.27 17.37 6.38
N ASN A 241 21.48 16.83 6.30
CA ASN A 241 22.02 15.95 7.36
C ASN A 241 21.11 14.75 7.64
N LYS A 242 20.58 14.15 6.58
CA LYS A 242 19.71 12.99 6.68
C LYS A 242 20.23 11.89 5.75
N THR A 243 19.67 10.70 5.85
CA THR A 243 20.05 9.63 4.93
C THR A 243 19.22 9.72 3.64
N THR A 244 19.70 9.04 2.61
CA THR A 244 18.99 9.01 1.35
C THR A 244 17.58 8.41 1.55
N ALA A 245 17.49 7.34 2.34
CA ALA A 245 16.20 6.74 2.64
C ALA A 245 15.25 7.76 3.30
N GLN A 246 15.77 8.55 4.23
CA GLN A 246 14.94 9.56 4.89
C GLN A 246 14.41 10.60 3.92
N VAL A 247 15.23 11.02 2.96
CA VAL A 247 14.74 11.91 1.91
C VAL A 247 13.66 11.25 1.06
N LEU A 248 13.87 9.98 0.71
CA LEU A 248 12.91 9.25 -0.10
C LEU A 248 11.57 9.06 0.60
N ILE A 249 11.58 9.04 1.94
CA ILE A 249 10.36 8.90 2.71
C ILE A 249 9.69 10.27 2.89
N ARG A 250 10.49 11.30 3.15
CA ARG A 250 9.95 12.63 3.33
C ARG A 250 9.30 13.17 2.06
N PHE A 251 9.86 12.83 0.91
CA PHE A 251 9.40 13.31 -0.39
C PHE A 251 7.88 13.11 -0.60
N PRO A 252 7.37 11.86 -0.51
CA PRO A 252 5.91 11.69 -0.68
C PRO A 252 5.11 12.38 0.43
N MET A 253 5.64 12.44 1.64
CA MET A 253 4.94 13.11 2.72
C MET A 253 4.60 14.55 2.34
N GLN A 254 5.54 15.23 1.69
CA GLN A 254 5.33 16.63 1.31
C GLN A 254 4.45 16.82 0.09
N ARG A 255 4.08 15.72 -0.56
CA ARG A 255 3.10 15.73 -1.64
C ARG A 255 1.70 15.38 -1.12
N ASN A 256 1.55 15.39 0.20
CA ASN A 256 0.30 15.01 0.85
C ASN A 256 -0.07 13.54 0.62
N LEU A 257 0.94 12.70 0.51
CA LEU A 257 0.76 11.27 0.40
C LEU A 257 1.07 10.58 1.72
N VAL A 258 0.53 9.38 1.86
CA VAL A 258 0.93 8.42 2.87
C VAL A 258 2.05 7.59 2.28
N VAL A 259 3.00 7.13 3.10
CA VAL A 259 4.13 6.36 2.59
C VAL A 259 4.44 5.18 3.52
N ILE A 260 4.80 4.04 2.93
CA ILE A 260 4.88 2.78 3.66
C ILE A 260 6.19 2.01 3.40
N PRO A 261 7.34 2.60 3.75
CA PRO A 261 8.60 1.88 3.57
C PRO A 261 8.64 0.58 4.37
N LYS A 262 9.20 -0.46 3.74
CA LYS A 262 9.37 -1.76 4.38
C LYS A 262 10.79 -1.93 4.92
N SER A 263 10.90 -2.44 6.14
CA SER A 263 12.16 -2.94 6.65
C SER A 263 11.91 -4.00 7.70
N VAL A 264 12.81 -4.96 7.78
CA VAL A 264 12.88 -5.87 8.93
C VAL A 264 14.15 -5.65 9.74
N THR A 265 14.89 -4.59 9.44
CA THR A 265 16.12 -4.27 10.15
C THR A 265 15.82 -3.23 11.21
N PRO A 266 15.98 -3.59 12.50
CA PRO A 266 15.59 -2.65 13.56
C PRO A 266 16.17 -1.23 13.44
N GLU A 267 17.45 -1.11 13.10
CA GLU A 267 18.06 0.21 12.93
C GLU A 267 17.41 1.02 11.82
N ARG A 268 17.03 0.35 10.73
CA ARG A 268 16.39 1.03 9.61
C ARG A 268 14.94 1.39 9.89
N ILE A 269 14.25 0.50 10.61
CA ILE A 269 12.88 0.80 11.04
C ILE A 269 12.88 2.11 11.82
N ALA A 270 13.81 2.26 12.74
CA ALA A 270 13.92 3.49 13.51
C ALA A 270 14.34 4.69 12.65
N GLU A 271 15.35 4.51 11.80
CA GLU A 271 15.82 5.55 10.89
C GLU A 271 14.67 6.09 10.04
N ASN A 272 13.88 5.17 9.50
CA ASN A 272 12.81 5.52 8.58
C ASN A 272 11.70 6.33 9.23
N PHE A 273 11.60 6.27 10.56
CA PHE A 273 10.59 7.03 11.28
C PHE A 273 11.05 8.44 11.61
N LYS A 274 12.35 8.70 11.50
CA LYS A 274 12.90 10.01 11.91
C LYS A 274 12.86 10.98 10.74
N VAL A 275 11.65 11.30 10.31
CA VAL A 275 11.40 12.08 9.10
C VAL A 275 10.40 13.21 9.34
N PHE A 276 10.13 13.52 10.60
CA PHE A 276 9.16 14.57 10.94
C PHE A 276 9.82 15.86 11.40
N ASP A 277 11.16 15.92 11.36
CA ASP A 277 11.87 17.07 11.91
C ASP A 277 12.72 17.81 10.89
N PHE A 278 12.46 17.61 9.60
CA PHE A 278 13.10 18.40 8.56
C PHE A 278 12.12 18.62 7.43
N GLU A 279 12.42 19.60 6.58
CA GLU A 279 11.58 19.90 5.43
C GLU A 279 12.44 20.03 4.18
N LEU A 280 12.02 19.38 3.11
CA LEU A 280 12.59 19.61 1.79
C LEU A 280 12.03 20.93 1.24
N SER A 281 12.87 21.72 0.59
CA SER A 281 12.40 22.95 -0.01
C SER A 281 11.56 22.64 -1.25
N SER A 282 10.81 23.63 -1.72
N SER A 282 10.81 23.63 -1.74
CA SER A 282 10.07 23.47 -2.97
CA SER A 282 10.06 23.47 -2.97
C SER A 282 11.02 23.13 -4.10
C SER A 282 11.00 23.16 -4.14
N GLN A 283 12.18 23.78 -4.12
CA GLN A 283 13.21 23.51 -5.11
C GLN A 283 13.68 22.05 -5.03
N ASP A 284 13.89 21.54 -3.82
CA ASP A 284 14.25 20.14 -3.60
C ASP A 284 13.17 19.23 -4.17
N MET A 285 11.92 19.57 -3.87
CA MET A 285 10.77 18.77 -4.31
C MET A 285 10.68 18.72 -5.82
N THR A 286 10.80 19.87 -6.46
CA THR A 286 10.75 19.93 -7.92
C THR A 286 11.94 19.18 -8.53
N THR A 287 13.10 19.29 -7.90
CA THR A 287 14.27 18.55 -8.37
C THR A 287 14.05 17.04 -8.28
N LEU A 288 13.52 16.57 -7.16
CA LEU A 288 13.21 15.15 -7.03
C LEU A 288 12.17 14.70 -8.05
N LEU A 289 11.14 15.51 -8.26
CA LEU A 289 10.13 15.21 -9.28
C LEU A 289 10.75 15.10 -10.67
N SER A 290 11.81 15.86 -10.91
CA SER A 290 12.44 15.89 -12.24
C SER A 290 13.12 14.58 -12.60
N TYR A 291 13.31 13.71 -11.62
CA TYR A 291 14.00 12.45 -11.85
C TYR A 291 13.08 11.37 -12.44
N ASN A 292 11.81 11.71 -12.63
CA ASN A 292 10.85 10.75 -13.18
C ASN A 292 11.33 10.14 -14.48
N ARG A 293 11.20 8.82 -14.58
CA ARG A 293 11.53 8.14 -15.82
C ARG A 293 10.51 7.05 -16.14
N ASN A 294 9.36 7.10 -15.47
CA ASN A 294 8.32 6.10 -15.64
C ASN A 294 8.85 4.68 -15.46
N TRP A 295 9.70 4.52 -14.44
CA TRP A 295 10.29 3.22 -14.12
C TRP A 295 9.49 2.53 -13.02
N ARG A 296 8.96 1.36 -13.35
CA ARG A 296 7.99 0.66 -12.53
C ARG A 296 8.56 -0.68 -11.99
N VAL A 297 8.60 -0.82 -10.67
CA VAL A 297 9.04 -2.05 -10.00
C VAL A 297 8.00 -3.15 -10.10
N CYS A 298 6.75 -2.77 -9.92
CA CYS A 298 5.69 -3.75 -9.75
C CYS A 298 4.73 -3.81 -10.93
N ALA A 299 4.95 -4.83 -11.75
CA ALA A 299 4.10 -5.18 -12.87
C ALA A 299 4.56 -6.56 -13.33
N LEU A 300 3.62 -7.41 -13.71
CA LEU A 300 3.97 -8.77 -14.09
C LEU A 300 3.60 -9.09 -15.53
N LEU A 301 4.56 -9.66 -16.25
CA LEU A 301 4.37 -10.06 -17.63
C LEU A 301 3.18 -11.00 -17.79
N SER A 302 2.98 -11.88 -16.81
CA SER A 302 1.90 -12.86 -16.86
C SER A 302 0.51 -12.22 -16.90
N CYS A 303 0.44 -10.94 -16.50
CA CYS A 303 -0.84 -10.24 -16.39
C CYS A 303 -1.10 -9.22 -17.48
N THR A 304 -0.16 -9.06 -18.41
CA THR A 304 -0.25 -7.97 -19.37
C THR A 304 -1.36 -8.10 -20.42
N SER A 305 -1.98 -9.27 -20.53
CA SER A 305 -3.13 -9.42 -21.41
C SER A 305 -4.46 -9.47 -20.67
N HIS A 306 -4.41 -9.40 -19.33
CA HIS A 306 -5.63 -9.35 -18.55
C HIS A 306 -6.38 -8.08 -18.95
N LYS A 307 -7.69 -8.17 -19.15
CA LYS A 307 -8.44 -7.02 -19.64
C LYS A 307 -8.36 -5.82 -18.69
N ASP A 308 -8.09 -6.09 -17.42
CA ASP A 308 -8.02 -5.02 -16.43
C ASP A 308 -6.59 -4.70 -15.99
N TYR A 309 -5.60 -5.17 -16.76
CA TYR A 309 -4.22 -4.79 -16.49
C TYR A 309 -4.13 -3.28 -16.45
N PRO A 310 -3.55 -2.72 -15.37
CA PRO A 310 -3.71 -1.27 -15.17
C PRO A 310 -2.69 -0.39 -15.88
N PHE A 311 -1.60 -0.95 -16.41
CA PHE A 311 -0.47 -0.12 -16.80
C PHE A 311 -0.25 0.04 -18.32
N HIS A 312 -1.27 -0.24 -19.12
CA HIS A 312 -1.24 0.07 -20.56
C HIS A 312 -1.51 1.55 -20.75
N GLU A 313 -2.44 2.06 -19.95
CA GLU A 313 -2.84 3.46 -20.03
C GLU A 313 -1.71 4.34 -19.50
N GLU A 314 -1.64 5.56 -20.02
CA GLU A 314 -0.64 6.53 -19.60
C GLU A 314 -0.65 6.71 -18.09
N PHE A 315 -1.85 6.79 -17.52
CA PHE A 315 -2.00 6.89 -16.08
C PHE A 315 -3.40 6.48 -15.64
PA NAP B . 10.61 -0.41 -0.29
O1A NAP B . 9.89 -0.04 1.04
O2A NAP B . 10.75 0.64 -1.35
O5B NAP B . 12.07 -0.97 0.00
C5B NAP B . 12.26 -2.06 0.89
C4B NAP B . 13.75 -2.40 0.83
O4B NAP B . 14.52 -1.29 1.31
C3B NAP B . 14.17 -3.60 1.69
O3B NAP B . 15.16 -4.34 0.99
C2B NAP B . 14.74 -2.94 2.97
O2B NAP B . 15.73 -3.78 3.55
C1B NAP B . 15.39 -1.68 2.37
N9A NAP B . 15.45 -0.57 3.30
C8A NAP B . 14.50 -0.13 4.11
N7A NAP B . 14.87 0.89 4.79
C5A NAP B . 16.14 1.18 4.44
C6A NAP B . 17.04 2.17 4.85
N6A NAP B . 16.74 3.10 5.78
N1A NAP B . 18.25 2.15 4.25
C2A NAP B . 18.57 1.22 3.31
N3A NAP B . 17.73 0.26 2.91
C4A NAP B . 16.51 0.24 3.48
O3 NAP B . 9.95 -1.70 -1.03
PN NAP B . 8.53 -2.45 -0.97
O1N NAP B . 8.32 -2.93 -2.38
O2N NAP B . 8.54 -3.50 0.10
O5D NAP B . 7.41 -1.35 -0.69
C5D NAP B . 7.01 -0.97 0.63
C4D NAP B . 5.67 -1.62 1.00
O4D NAP B . 4.65 -1.19 0.11
C3D NAP B . 5.63 -3.16 0.83
O3D NAP B . 6.37 -3.83 1.85
C2D NAP B . 4.12 -3.36 0.92
O2D NAP B . 3.68 -3.22 2.26
C1D NAP B . 3.64 -2.19 0.03
N1N NAP B . 3.49 -2.61 -1.43
C2N NAP B . 2.24 -2.70 -1.92
C3N NAP B . 2.03 -3.09 -3.24
C7N NAP B . 0.66 -3.15 -3.83
O7N NAP B . 0.49 -3.71 -4.89
N7N NAP B . -0.33 -2.52 -3.17
C4N NAP B . 3.13 -3.39 -4.04
C5N NAP B . 4.42 -3.26 -3.52
C6N NAP B . 4.57 -2.85 -2.20
P2B NAP B . 15.54 -4.55 4.95
O1X NAP B . 15.98 -3.58 6.11
O2X NAP B . 14.04 -4.97 5.12
O3X NAP B . 16.43 -5.74 4.84
C1 2W9 C . 2.09 -7.92 -8.75
C2 2W9 C . 2.06 -8.35 -7.43
C3 2W9 C . 3.19 -8.24 -6.62
C4 2W9 C . 3.16 -8.73 -5.16
C7 2W9 C . 3.15 -7.55 -4.17
C8 2W9 C . 1.79 -6.92 -4.05
O9 2W9 C . 1.65 -6.03 -3.07
O11 2W9 C . 0.88 -7.23 -4.82
C14 2W9 C . 4.36 -7.68 -7.13
C15 2W9 C . 4.40 -7.22 -8.45
C16 2W9 C . 3.26 -7.34 -9.25
C21 2W9 C . 0.87 -7.98 -9.64
O22 2W9 C . 1.02 -7.42 -10.84
C23 2W9 C . -0.19 -7.58 -11.41
N24 2W9 C . -0.39 -7.10 -12.64
O25 2W9 C . -1.53 -7.05 -13.06
O26 2W9 C . 0.62 -6.70 -13.23
C27 2W9 C . -1.09 -8.18 -10.62
C29 2W9 C . -0.35 -8.47 -9.38
#